data_4VGC
#
_entry.id   4VGC
#
_cell.length_a   69.890
_cell.length_b   69.890
_cell.length_c   96.140
_cell.angle_alpha   90.00
_cell.angle_beta   90.00
_cell.angle_gamma   90.00
#
_symmetry.space_group_name_H-M   'P 42 21 2'
#
loop_
_entity.id
_entity.type
_entity.pdbx_description
1 polymer 'GAMMA CHYMOTRYPSIN'
2 polymer 'GAMMA CHYMOTRYPSIN'
3 polymer 'GAMMA CHYMOTRYPSIN'
4 non-polymer 'SULFATE ION'
5 non-polymer 'D-1-NAPHTHYL-2-ACETAMIDO-ETHANE BORONIC ACID'
6 water water
#
loop_
_entity_poly.entity_id
_entity_poly.type
_entity_poly.pdbx_seq_one_letter_code
_entity_poly.pdbx_strand_id
1 'polypeptide(L)' CGVPAIQPVLSGL A
2 'polypeptide(L)'
;IVNGEEAVPGSWPWQVSLQDKTGFHFCGGSLINENWVVTAAHCGVTTSDVVVAGEFDQGSSSEKIQKLKIAKVFKNSKYN
SLTINNDITLLKLSTAASFSQTVSAVCLPSASDDFAAGTTCVTTGWGLTRY
;
B
3 'polypeptide(L)'
;ANTPDRLQQASLPLLSNTNCKKYWGTKIKDAMICAGASGVSSCMGDSGGPLVCKKNGAWTLVGIVSWGSSTCSTSTPGVY
ARVTALVNWVQQTLAAN
;
C
#
loop_
_chem_comp.id
_chem_comp.type
_chem_comp.name
_chem_comp.formula
SO4 non-polymer 'SULFATE ION' 'O4 S -2'
SRD non-polymer 'D-1-NAPHTHYL-2-ACETAMIDO-ETHANE BORONIC ACID' 'C14 H17 B N O4 -1'
#
# COMPACT_ATOMS: atom_id res chain seq x y z
N CYS A 1 14.98 2.73 -7.86
CA CYS A 1 13.81 2.37 -7.01
C CYS A 1 13.28 0.97 -7.34
N GLY A 2 12.40 0.47 -6.49
CA GLY A 2 11.78 -0.82 -6.74
C GLY A 2 12.68 -2.01 -6.80
N VAL A 3 13.94 -1.86 -6.41
CA VAL A 3 14.83 -3.01 -6.41
C VAL A 3 15.40 -3.17 -4.99
N PRO A 4 14.76 -4.01 -4.17
CA PRO A 4 15.21 -4.23 -2.80
C PRO A 4 16.59 -4.82 -2.69
N ALA A 5 17.24 -4.59 -1.55
CA ALA A 5 18.57 -5.14 -1.30
C ALA A 5 18.44 -6.59 -0.82
N ILE A 6 17.35 -6.88 -0.11
CA ILE A 6 17.04 -8.21 0.38
C ILE A 6 15.88 -8.68 -0.51
N GLN A 7 16.18 -9.65 -1.37
CA GLN A 7 15.20 -10.17 -2.33
C GLN A 7 13.98 -10.85 -1.75
N PRO A 8 12.78 -10.44 -2.17
CA PRO A 8 11.60 -11.11 -1.64
C PRO A 8 11.51 -12.51 -2.21
N VAL A 9 10.96 -13.43 -1.42
CA VAL A 9 10.79 -14.83 -1.85
C VAL A 9 9.29 -15.09 -1.83
N LEU A 10 8.75 -15.45 -3.00
CA LEU A 10 7.32 -15.73 -3.20
C LEU A 10 6.94 -17.23 -3.26
N ILE B 1 -3.87 -9.40 5.61
CA ILE B 1 -3.91 -10.26 4.41
C ILE B 1 -4.37 -11.65 4.77
N VAL B 2 -5.60 -11.98 4.39
CA VAL B 2 -6.19 -13.29 4.65
C VAL B 2 -5.53 -14.29 3.72
N ASN B 3 -4.93 -15.33 4.30
CA ASN B 3 -4.24 -16.37 3.56
C ASN B 3 -2.94 -15.92 2.94
N GLY B 4 -2.35 -14.88 3.49
CA GLY B 4 -1.08 -14.41 2.98
C GLY B 4 -0.03 -15.32 3.59
N GLU B 5 1.22 -14.89 3.53
CA GLU B 5 2.31 -15.66 4.11
C GLU B 5 3.34 -14.69 4.59
N GLU B 6 4.14 -15.13 5.54
CA GLU B 6 5.18 -14.29 6.12
C GLU B 6 6.20 -13.88 5.06
N ALA B 7 6.55 -12.60 5.08
CA ALA B 7 7.52 -12.07 4.12
C ALA B 7 8.93 -12.31 4.64
N VAL B 8 9.92 -12.17 3.75
CA VAL B 8 11.32 -12.30 4.14
C VAL B 8 11.61 -10.93 4.76
N PRO B 9 12.09 -10.90 6.02
CA PRO B 9 12.39 -9.64 6.72
C PRO B 9 13.20 -8.71 5.86
N GLY B 10 12.67 -7.51 5.66
CA GLY B 10 13.37 -6.50 4.89
C GLY B 10 13.24 -6.53 3.38
N SER B 11 12.50 -7.50 2.83
CA SER B 11 12.35 -7.62 1.37
C SER B 11 11.37 -6.69 0.69
N TRP B 12 10.60 -5.96 1.48
CA TRP B 12 9.64 -4.97 1.00
C TRP B 12 10.10 -3.76 1.77
N PRO B 13 11.28 -3.23 1.41
CA PRO B 13 11.86 -2.07 2.06
C PRO B 13 11.07 -0.76 2.10
N TRP B 14 10.02 -0.65 1.29
CA TRP B 14 9.20 0.57 1.23
C TRP B 14 7.99 0.52 2.12
N GLN B 15 7.66 -0.66 2.61
CA GLN B 15 6.50 -0.83 3.44
C GLN B 15 6.70 -0.16 4.79
N VAL B 16 5.80 0.74 5.15
CA VAL B 16 5.83 1.41 6.44
C VAL B 16 4.53 1.10 7.17
N SER B 17 4.52 1.32 8.48
CA SER B 17 3.36 1.10 9.31
C SER B 17 2.91 2.44 9.88
N LEU B 18 1.62 2.74 9.82
CA LEU B 18 1.12 3.97 10.41
C LEU B 18 0.60 3.52 11.76
N GLN B 19 1.12 4.10 12.82
CA GLN B 19 0.71 3.72 14.15
C GLN B 19 0.27 4.96 14.88
N ASP B 20 -0.75 4.85 15.72
CA ASP B 20 -1.12 6.03 16.50
C ASP B 20 -0.10 6.13 17.65
N LYS B 21 -0.14 7.22 18.43
CA LYS B 21 0.81 7.39 19.54
C LYS B 21 0.79 6.31 20.62
N THR B 22 -0.21 5.43 20.54
CA THR B 22 -0.41 4.31 21.44
C THR B 22 0.46 3.13 20.99
N GLY B 23 0.88 3.15 19.72
CA GLY B 23 1.68 2.07 19.19
C GLY B 23 0.81 1.09 18.40
N PHE B 24 -0.46 1.45 18.22
CA PHE B 24 -1.43 0.61 17.52
C PHE B 24 -1.31 0.76 16.00
N HIS B 25 -1.01 -0.34 15.31
CA HIS B 25 -0.95 -0.33 13.84
C HIS B 25 -2.37 -0.18 13.23
N PHE B 26 -2.59 0.85 12.43
CA PHE B 26 -3.90 1.03 11.81
C PHE B 26 -3.88 1.03 10.27
N CYS B 27 -2.72 1.25 9.66
CA CYS B 27 -2.63 1.28 8.20
C CYS B 27 -1.23 1.06 7.71
N GLY B 28 -1.10 0.77 6.43
CA GLY B 28 0.19 0.56 5.80
C GLY B 28 0.50 1.78 4.97
N GLY B 29 1.65 1.78 4.29
CA GLY B 29 2.04 2.89 3.47
C GLY B 29 3.31 2.54 2.72
N SER B 30 3.68 3.35 1.75
CA SER B 30 4.89 3.10 0.97
C SER B 30 5.74 4.36 0.84
N LEU B 31 7.05 4.22 1.01
CA LEU B 31 7.97 5.35 0.85
C LEU B 31 8.28 5.51 -0.65
N ILE B 32 8.16 6.74 -1.16
CA ILE B 32 8.43 7.01 -2.56
C ILE B 32 9.72 7.79 -2.70
N ASN B 33 10.27 8.16 -1.55
CA ASN B 33 11.55 8.86 -1.39
C ASN B 33 11.73 9.01 0.10
N GLU B 34 12.82 9.61 0.53
CA GLU B 34 13.06 9.77 1.96
C GLU B 34 12.17 10.74 2.73
N ASN B 35 11.39 11.57 2.04
CA ASN B 35 10.53 12.55 2.71
C ASN B 35 9.03 12.40 2.54
N TRP B 36 8.60 11.47 1.70
CA TRP B 36 7.19 11.33 1.44
C TRP B 36 6.77 9.90 1.47
N VAL B 37 5.59 9.67 2.05
CA VAL B 37 4.98 8.35 2.16
C VAL B 37 3.62 8.42 1.45
N VAL B 38 3.26 7.39 0.68
CA VAL B 38 1.95 7.38 0.03
C VAL B 38 1.12 6.39 0.82
N THR B 39 -0.10 6.80 1.14
CA THR B 39 -1.01 5.93 1.88
C THR B 39 -2.44 6.19 1.39
N ALA B 40 -3.41 5.53 2.00
CA ALA B 40 -4.80 5.70 1.59
C ALA B 40 -5.45 6.84 2.31
N ALA B 41 -6.28 7.59 1.59
CA ALA B 41 -6.97 8.70 2.18
C ALA B 41 -7.93 8.23 3.29
N HIS B 42 -8.45 7.01 3.19
CA HIS B 42 -9.37 6.56 4.21
C HIS B 42 -8.75 6.30 5.54
N CYS B 43 -7.45 6.10 5.54
CA CYS B 43 -6.77 5.84 6.79
C CYS B 43 -6.95 6.91 7.87
N GLY B 44 -7.29 8.13 7.46
CA GLY B 44 -7.49 9.21 8.42
C GLY B 44 -6.28 9.61 9.23
N VAL B 45 -5.12 9.66 8.58
CA VAL B 45 -3.88 10.00 9.27
C VAL B 45 -3.87 11.48 9.72
N THR B 46 -3.32 11.71 10.92
CA THR B 46 -3.18 13.06 11.49
C THR B 46 -1.67 13.22 11.79
N THR B 47 -1.26 14.42 12.15
CA THR B 47 0.13 14.68 12.42
C THR B 47 0.60 14.13 13.77
N SER B 48 -0.30 13.50 14.51
CA SER B 48 0.03 12.91 15.80
C SER B 48 0.38 11.44 15.59
N ASP B 49 0.10 10.93 14.40
CA ASP B 49 0.37 9.53 14.10
C ASP B 49 1.83 9.39 13.69
N VAL B 50 2.39 8.20 13.86
CA VAL B 50 3.79 8.02 13.49
C VAL B 50 4.02 6.98 12.38
N VAL B 51 4.96 7.28 11.51
CA VAL B 51 5.37 6.42 10.40
C VAL B 51 6.54 5.60 10.90
N VAL B 52 6.43 4.28 10.84
CA VAL B 52 7.52 3.43 11.28
C VAL B 52 8.10 2.69 10.06
N ALA B 53 9.37 2.96 9.76
CA ALA B 53 10.08 2.33 8.66
C ALA B 53 11.07 1.27 9.20
N GLY B 54 11.45 0.34 8.34
CA GLY B 54 12.40 -0.69 8.70
C GLY B 54 11.85 -1.77 9.63
N GLU B 55 10.55 -1.85 9.81
CA GLU B 55 9.99 -2.84 10.72
C GLU B 55 9.49 -4.13 10.06
N PHE B 56 9.56 -5.24 10.78
CA PHE B 56 9.09 -6.50 10.22
C PHE B 56 8.15 -7.16 11.21
N ASP B 57 8.66 -7.33 12.42
CA ASP B 57 7.94 -7.98 13.51
C ASP B 57 7.53 -6.90 14.50
N GLN B 58 6.29 -6.46 14.42
CA GLN B 58 5.81 -5.43 15.32
C GLN B 58 5.93 -5.76 16.80
N GLY B 59 6.03 -7.05 17.12
CA GLY B 59 6.19 -7.44 18.51
C GLY B 59 7.62 -7.58 19.02
N SER B 60 8.62 -7.13 18.25
CA SER B 60 10.02 -7.20 18.64
C SER B 60 10.61 -5.88 19.08
N SER B 61 11.58 -5.93 19.98
CA SER B 61 12.23 -4.74 20.50
C SER B 61 13.65 -4.60 20.00
N SER B 62 14.13 -5.62 19.31
CA SER B 62 15.50 -5.61 18.84
C SER B 62 15.67 -5.12 17.43
N GLU B 63 14.58 -4.77 16.77
CA GLU B 63 14.73 -4.29 15.42
C GLU B 63 15.16 -2.83 15.40
N LYS B 64 15.98 -2.49 14.43
CA LYS B 64 16.45 -1.13 14.25
C LYS B 64 15.44 -0.43 13.32
N ILE B 65 14.29 -0.08 13.89
CA ILE B 65 13.23 0.58 13.15
C ILE B 65 13.42 2.09 13.22
N GLN B 66 12.71 2.82 12.36
CA GLN B 66 12.80 4.27 12.34
C GLN B 66 11.41 4.88 12.57
N LYS B 67 11.18 5.54 13.70
CA LYS B 67 9.88 6.16 13.97
C LYS B 67 10.00 7.60 13.50
N LEU B 68 9.31 7.93 12.41
CA LEU B 68 9.35 9.25 11.80
C LEU B 68 8.07 10.04 12.01
N LYS B 69 8.20 11.33 12.21
CA LYS B 69 7.04 12.15 12.46
C LYS B 69 6.53 12.75 11.17
N ILE B 70 5.24 13.08 11.15
CA ILE B 70 4.55 13.67 10.00
C ILE B 70 4.49 15.19 10.13
N ALA B 71 4.94 15.89 9.10
CA ALA B 71 4.89 17.34 9.10
C ALA B 71 3.50 17.79 8.61
N LYS B 72 3.07 17.24 7.48
CA LYS B 72 1.79 17.59 6.92
C LYS B 72 1.10 16.41 6.23
N VAL B 73 -0.23 16.41 6.28
CA VAL B 73 -1.06 15.37 5.68
C VAL B 73 -1.74 15.99 4.43
N PHE B 74 -1.51 15.40 3.26
CA PHE B 74 -2.08 15.84 2.00
C PHE B 74 -3.12 14.87 1.44
N LYS B 75 -4.38 15.13 1.76
CA LYS B 75 -5.47 14.31 1.27
C LYS B 75 -5.85 14.82 -0.13
N ASN B 76 -5.87 13.92 -1.12
CA ASN B 76 -6.22 14.28 -2.49
C ASN B 76 -7.56 15.01 -2.43
N SER B 77 -7.67 16.23 -2.97
CA SER B 77 -8.95 16.96 -2.95
C SER B 77 -10.05 16.29 -3.79
N LYS B 78 -9.65 15.38 -4.69
CA LYS B 78 -10.57 14.64 -5.55
C LYS B 78 -11.12 13.41 -4.82
N TYR B 79 -10.59 13.13 -3.63
CA TYR B 79 -11.01 11.99 -2.84
C TYR B 79 -12.49 12.09 -2.51
N ASN B 80 -13.24 11.05 -2.85
CA ASN B 80 -14.65 11.02 -2.57
C ASN B 80 -14.87 9.89 -1.59
N SER B 81 -15.09 10.25 -0.33
CA SER B 81 -15.30 9.25 0.73
C SER B 81 -16.61 8.47 0.67
N LEU B 82 -17.53 8.89 -0.18
CA LEU B 82 -18.82 8.21 -0.32
C LEU B 82 -18.72 7.12 -1.38
N THR B 83 -17.79 7.28 -2.31
CA THR B 83 -17.56 6.29 -3.37
C THR B 83 -16.21 5.61 -3.13
N ILE B 84 -15.42 6.22 -2.25
CA ILE B 84 -14.06 5.80 -1.88
C ILE B 84 -13.21 5.87 -3.14
N ASN B 85 -13.42 6.93 -3.93
CA ASN B 85 -12.67 7.09 -5.16
C ASN B 85 -11.52 8.09 -4.94
N ASN B 86 -10.43 7.87 -5.67
CA ASN B 86 -9.20 8.68 -5.55
C ASN B 86 -8.70 8.60 -4.11
N ASP B 87 -8.63 7.37 -3.61
CA ASP B 87 -8.23 7.08 -2.25
C ASP B 87 -6.73 7.15 -2.01
N ILE B 88 -6.18 8.35 -2.04
CA ILE B 88 -4.74 8.52 -1.84
C ILE B 88 -4.43 9.80 -1.04
N THR B 89 -3.49 9.66 -0.12
CA THR B 89 -3.05 10.74 0.75
C THR B 89 -1.52 10.68 0.75
N LEU B 90 -0.89 11.85 0.70
CA LEU B 90 0.56 11.96 0.75
C LEU B 90 0.94 12.48 2.13
N LEU B 91 1.98 11.90 2.72
CA LEU B 91 2.43 12.32 4.02
C LEU B 91 3.83 12.87 3.90
N LYS B 92 4.03 14.13 4.27
CA LYS B 92 5.36 14.72 4.23
C LYS B 92 5.99 14.52 5.61
N LEU B 93 7.13 13.83 5.64
CA LEU B 93 7.87 13.56 6.88
C LEU B 93 8.60 14.82 7.37
N SER B 94 8.48 15.13 8.66
CA SER B 94 9.18 16.32 9.17
C SER B 94 10.62 15.95 9.40
N THR B 95 10.84 14.65 9.50
CA THR B 95 12.15 14.07 9.70
C THR B 95 12.29 12.97 8.62
N ALA B 96 13.18 13.19 7.66
CA ALA B 96 13.42 12.27 6.55
C ALA B 96 13.93 10.87 6.93
N ALA B 97 13.44 9.85 6.25
CA ALA B 97 13.84 8.47 6.47
C ALA B 97 15.29 8.27 6.01
N SER B 98 16.02 7.40 6.70
CA SER B 98 17.40 7.11 6.33
C SER B 98 17.39 5.81 5.55
N PHE B 99 17.68 5.88 4.26
CA PHE B 99 17.67 4.68 3.42
C PHE B 99 18.86 3.76 3.69
N SER B 100 18.57 2.47 3.72
CA SER B 100 19.55 1.42 3.97
C SER B 100 19.05 0.15 3.29
N GLN B 101 19.54 -1.00 3.72
CA GLN B 101 19.11 -2.28 3.14
C GLN B 101 17.63 -2.57 3.36
N THR B 102 17.12 -2.21 4.53
CA THR B 102 15.73 -2.47 4.87
C THR B 102 14.78 -1.28 4.71
N VAL B 103 15.28 -0.19 4.15
CA VAL B 103 14.46 1.00 3.96
C VAL B 103 14.86 1.69 2.65
N SER B 104 13.96 1.64 1.66
CA SER B 104 14.18 2.26 0.36
C SER B 104 12.84 2.56 -0.32
N ALA B 105 12.88 3.13 -1.53
CA ALA B 105 11.70 3.55 -2.26
C ALA B 105 11.13 2.61 -3.30
N VAL B 106 9.81 2.68 -3.49
CA VAL B 106 9.14 1.86 -4.50
C VAL B 106 9.06 2.80 -5.71
N CYS B 107 9.00 2.25 -6.90
CA CYS B 107 8.89 3.06 -8.10
C CYS B 107 7.44 3.43 -8.36
N LEU B 108 7.21 4.55 -9.03
CA LEU B 108 5.87 5.01 -9.41
C LEU B 108 5.76 4.78 -10.92
N PRO B 109 4.58 4.43 -11.43
CA PRO B 109 4.53 4.21 -12.88
C PRO B 109 4.28 5.54 -13.58
N SER B 110 4.32 5.54 -14.91
CA SER B 110 4.01 6.73 -15.70
C SER B 110 2.50 6.60 -15.86
N ALA B 111 1.81 7.71 -16.05
CA ALA B 111 0.36 7.63 -16.21
C ALA B 111 -0.02 6.75 -17.39
N SER B 112 0.94 6.50 -18.29
CA SER B 112 0.70 5.68 -19.47
C SER B 112 1.13 4.23 -19.33
N ASP B 113 1.46 3.79 -18.11
CA ASP B 113 1.90 2.41 -17.93
C ASP B 113 0.73 1.43 -17.98
N ASP B 114 0.95 0.28 -18.61
CA ASP B 114 -0.07 -0.76 -18.73
C ASP B 114 0.19 -2.01 -17.88
N PHE B 115 -0.81 -2.37 -17.10
CA PHE B 115 -0.75 -3.53 -16.23
C PHE B 115 -1.99 -4.36 -16.53
N ALA B 116 -1.82 -5.29 -17.48
CA ALA B 116 -2.85 -6.21 -18.01
C ALA B 116 -3.51 -7.20 -17.06
N ALA B 117 -4.80 -7.45 -17.29
CA ALA B 117 -5.55 -8.40 -16.48
C ALA B 117 -4.87 -9.74 -16.62
N GLY B 118 -4.75 -10.44 -15.50
CA GLY B 118 -4.10 -11.73 -15.46
C GLY B 118 -2.69 -11.65 -14.88
N THR B 119 -2.12 -10.45 -14.87
CA THR B 119 -0.78 -10.23 -14.32
C THR B 119 -0.78 -10.50 -12.81
N THR B 120 0.19 -11.29 -12.35
CA THR B 120 0.32 -11.61 -10.95
C THR B 120 1.20 -10.56 -10.26
N CYS B 121 0.65 -9.92 -9.24
CA CYS B 121 1.35 -8.90 -8.50
C CYS B 121 1.39 -9.29 -7.04
N VAL B 122 1.90 -8.42 -6.19
CA VAL B 122 2.01 -8.75 -4.79
C VAL B 122 1.43 -7.62 -3.94
N THR B 123 0.90 -7.96 -2.77
CA THR B 123 0.40 -6.96 -1.87
C THR B 123 0.91 -7.43 -0.52
N THR B 124 1.31 -6.49 0.32
CA THR B 124 1.88 -6.79 1.62
C THR B 124 1.16 -5.96 2.68
N GLY B 125 1.26 -6.38 3.94
CA GLY B 125 0.61 -5.65 5.00
C GLY B 125 0.51 -6.41 6.29
N TRP B 126 0.14 -5.71 7.36
CA TRP B 126 -0.03 -6.31 8.68
C TRP B 126 -1.53 -6.38 9.03
N GLY B 127 -2.40 -6.37 8.03
CA GLY B 127 -3.82 -6.43 8.32
C GLY B 127 -4.24 -7.83 8.75
N LEU B 128 -5.50 -7.98 9.13
CA LEU B 128 -6.04 -9.28 9.57
C LEU B 128 -5.74 -10.42 8.60
N THR B 129 -5.32 -11.56 9.15
CA THR B 129 -4.99 -12.77 8.38
C THR B 129 -6.12 -13.78 8.43
N ARG B 130 -7.12 -13.41 9.22
CA ARG B 130 -8.28 -14.24 9.45
C ARG B 130 -9.37 -13.29 9.95
N TYR B 131 -10.54 -13.38 9.34
CA TYR B 131 -11.65 -12.52 9.73
C TYR B 131 -12.81 -13.39 10.25
N THR C 3 -4.52 -8.47 14.59
CA THR C 3 -3.61 -8.36 13.40
C THR C 3 -2.36 -9.19 13.65
N PRO C 4 -1.55 -9.48 12.62
CA PRO C 4 -0.33 -10.27 12.86
C PRO C 4 0.88 -9.41 13.22
N ASP C 5 1.83 -9.99 13.94
CA ASP C 5 3.06 -9.32 14.35
C ASP C 5 4.01 -9.12 13.16
N ARG C 6 4.19 -10.16 12.36
CA ARG C 6 5.09 -10.14 11.22
C ARG C 6 4.42 -9.78 9.91
N LEU C 7 5.17 -9.09 9.07
CA LEU C 7 4.71 -8.65 7.77
C LEU C 7 4.30 -9.83 6.89
N GLN C 8 3.11 -9.77 6.29
CA GLN C 8 2.61 -10.83 5.42
C GLN C 8 2.67 -10.35 3.97
N GLN C 9 2.69 -11.29 3.03
CA GLN C 9 2.71 -10.97 1.60
C GLN C 9 1.77 -11.94 0.91
N ALA C 10 1.37 -11.61 -0.30
CA ALA C 10 0.52 -12.49 -1.07
C ALA C 10 0.52 -12.06 -2.53
N SER C 11 0.62 -13.06 -3.40
CA SER C 11 0.57 -12.87 -4.83
C SER C 11 -0.90 -12.95 -5.13
N LEU C 12 -1.33 -12.24 -6.16
CA LEU C 12 -2.73 -12.24 -6.55
C LEU C 12 -2.79 -11.66 -7.96
N PRO C 13 -3.78 -12.06 -8.77
CA PRO C 13 -3.95 -11.58 -10.16
C PRO C 13 -4.75 -10.28 -10.30
N LEU C 14 -4.38 -9.44 -11.25
CA LEU C 14 -5.13 -8.21 -11.50
C LEU C 14 -6.33 -8.65 -12.35
N LEU C 15 -7.47 -7.98 -12.22
CA LEU C 15 -8.63 -8.34 -13.02
C LEU C 15 -8.91 -7.17 -13.94
N SER C 16 -9.73 -7.40 -14.96
CA SER C 16 -10.13 -6.32 -15.85
C SER C 16 -11.22 -5.57 -15.10
N ASN C 17 -11.39 -4.28 -15.35
CA ASN C 17 -12.45 -3.53 -14.66
C ASN C 17 -13.82 -4.09 -15.08
N THR C 18 -13.87 -4.78 -16.23
CA THR C 18 -15.11 -5.38 -16.73
C THR C 18 -15.49 -6.60 -15.90
N ASN C 19 -14.51 -7.49 -15.71
CA ASN C 19 -14.69 -8.71 -14.92
C ASN C 19 -14.94 -8.35 -13.45
N CYS C 20 -14.41 -7.21 -13.00
CA CYS C 20 -14.60 -6.80 -11.61
C CYS C 20 -15.98 -6.23 -11.37
N LYS C 21 -16.54 -5.58 -12.38
CA LYS C 21 -17.89 -5.03 -12.30
C LYS C 21 -18.90 -6.16 -12.16
N LYS C 22 -18.50 -7.37 -12.49
CA LYS C 22 -19.37 -8.52 -12.32
C LYS C 22 -19.54 -8.78 -10.84
N TYR C 23 -18.51 -8.48 -10.05
CA TYR C 23 -18.59 -8.66 -8.59
C TYR C 23 -19.09 -7.40 -7.91
N TRP C 24 -18.65 -6.26 -8.40
CA TRP C 24 -18.99 -4.98 -7.79
C TRP C 24 -19.89 -4.02 -8.56
N GLY C 25 -20.30 -4.40 -9.76
CA GLY C 25 -21.16 -3.52 -10.54
C GLY C 25 -20.63 -2.12 -10.68
N THR C 26 -21.51 -1.15 -10.44
CA THR C 26 -21.17 0.27 -10.59
C THR C 26 -20.28 0.94 -9.54
N LYS C 27 -19.86 0.20 -8.51
CA LYS C 27 -18.99 0.75 -7.48
C LYS C 27 -17.55 0.88 -8.00
N ILE C 28 -17.24 0.16 -9.07
CA ILE C 28 -15.91 0.20 -9.69
C ILE C 28 -15.77 1.46 -10.54
N LYS C 29 -14.98 2.42 -10.04
CA LYS C 29 -14.75 3.69 -10.72
C LYS C 29 -13.44 3.64 -11.49
N ASP C 30 -13.14 4.68 -12.24
CA ASP C 30 -11.92 4.68 -13.04
C ASP C 30 -10.58 4.81 -12.34
N ALA C 31 -10.55 5.33 -11.12
CA ALA C 31 -9.30 5.44 -10.39
C ALA C 31 -9.19 4.25 -9.43
N MET C 32 -9.83 3.15 -9.80
CA MET C 32 -9.82 1.93 -9.03
C MET C 32 -9.37 0.78 -9.93
N ILE C 33 -8.62 -0.17 -9.35
CA ILE C 33 -8.13 -1.35 -10.06
C ILE C 33 -8.36 -2.55 -9.15
N CYS C 34 -8.81 -3.66 -9.72
CA CYS C 34 -9.10 -4.85 -8.91
C CYS C 34 -8.03 -5.92 -8.98
N ALA C 35 -7.92 -6.68 -7.90
CA ALA C 35 -6.97 -7.78 -7.79
C ALA C 35 -7.47 -8.77 -6.75
N GLY C 36 -7.07 -10.04 -6.90
CA GLY C 36 -7.49 -11.04 -5.93
C GLY C 36 -8.56 -11.97 -6.43
N ALA C 37 -9.50 -12.33 -5.56
CA ALA C 37 -10.60 -13.27 -5.86
C ALA C 37 -9.91 -14.58 -6.21
N SER C 38 -8.73 -14.78 -5.64
CA SER C 38 -7.95 -15.96 -5.94
C SER C 38 -7.54 -16.80 -4.75
N GLY C 39 -8.23 -16.67 -3.63
CA GLY C 39 -7.85 -17.45 -2.48
C GLY C 39 -7.11 -16.65 -1.43
N VAL C 40 -6.96 -15.35 -1.69
CA VAL C 40 -6.32 -14.42 -0.76
C VAL C 40 -7.15 -13.15 -0.80
N SER C 41 -7.00 -12.32 0.24
CA SER C 41 -7.72 -11.07 0.29
C SER C 41 -7.03 -10.08 1.24
N SER C 42 -7.02 -8.80 0.87
CA SER C 42 -6.47 -7.76 1.74
C SER C 42 -7.57 -7.62 2.80
N CYS C 43 -7.27 -7.04 3.94
CA CYS C 43 -8.29 -6.95 4.96
C CYS C 43 -8.02 -5.73 5.85
N MET C 44 -8.78 -5.62 6.93
CA MET C 44 -8.62 -4.50 7.88
C MET C 44 -7.20 -4.45 8.36
N GLY C 45 -6.65 -3.24 8.44
CA GLY C 45 -5.28 -3.05 8.87
C GLY C 45 -4.29 -2.96 7.71
N ASP C 46 -4.74 -3.37 6.52
CA ASP C 46 -3.93 -3.39 5.29
C ASP C 46 -4.03 -2.12 4.45
N SER C 47 -5.06 -1.32 4.67
CA SER C 47 -5.26 -0.10 3.92
C SER C 47 -4.04 0.77 3.79
N GLY C 48 -3.91 1.43 2.65
CA GLY C 48 -2.77 2.30 2.44
C GLY C 48 -1.55 1.56 1.97
N GLY C 49 -1.49 0.26 2.24
CA GLY C 49 -0.35 -0.54 1.82
C GLY C 49 -0.23 -0.70 0.33
N PRO C 50 0.90 -1.25 -0.14
CA PRO C 50 1.09 -1.40 -1.58
C PRO C 50 0.58 -2.66 -2.29
N LEU C 51 0.31 -2.49 -3.59
CA LEU C 51 -0.01 -3.60 -4.50
C LEU C 51 1.10 -3.32 -5.53
N VAL C 52 2.11 -4.17 -5.58
CA VAL C 52 3.20 -3.95 -6.52
C VAL C 52 3.30 -4.99 -7.63
N CYS C 53 3.76 -4.53 -8.80
CA CYS C 53 3.96 -5.39 -9.95
C CYS C 53 5.39 -5.15 -10.45
N LYS C 54 6.06 -6.22 -10.84
CA LYS C 54 7.41 -6.12 -11.33
C LYS C 54 7.36 -5.70 -12.79
N LYS C 55 7.89 -4.53 -13.07
CA LYS C 55 7.91 -4.00 -14.42
C LYS C 55 9.37 -3.70 -14.82
N ASN C 56 9.88 -4.44 -15.82
CA ASN C 56 11.25 -4.29 -16.33
C ASN C 56 12.31 -4.48 -15.27
N GLY C 57 12.08 -5.41 -14.34
CA GLY C 57 13.04 -5.66 -13.28
C GLY C 57 12.83 -4.97 -11.93
N ALA C 58 11.97 -3.95 -11.87
CA ALA C 58 11.72 -3.22 -10.63
C ALA C 58 10.30 -3.29 -10.18
N TRP C 59 10.09 -3.23 -8.88
CA TRP C 59 8.74 -3.22 -8.33
C TRP C 59 8.18 -1.80 -8.40
N THR C 60 7.05 -1.66 -9.08
CA THR C 60 6.42 -0.37 -9.22
C THR C 60 5.03 -0.40 -8.57
N LEU C 61 4.63 0.74 -8.01
CA LEU C 61 3.35 0.86 -7.30
C LEU C 61 2.17 0.97 -8.26
N VAL C 62 1.36 -0.08 -8.29
CA VAL C 62 0.20 -0.12 -9.15
C VAL C 62 -1.09 0.20 -8.42
N GLY C 63 -1.16 -0.18 -7.16
CA GLY C 63 -2.38 0.09 -6.42
C GLY C 63 -2.11 0.35 -4.96
N ILE C 64 -3.12 0.88 -4.28
CA ILE C 64 -3.03 1.18 -2.86
C ILE C 64 -4.25 0.47 -2.28
N VAL C 65 -4.07 -0.30 -1.20
CA VAL C 65 -5.21 -1.01 -0.62
C VAL C 65 -6.25 0.02 -0.22
N SER C 66 -7.45 -0.15 -0.76
CA SER C 66 -8.54 0.76 -0.53
C SER C 66 -9.77 0.10 0.12
N TRP C 67 -10.37 -0.90 -0.54
CA TRP C 67 -11.54 -1.53 0.04
C TRP C 67 -11.83 -2.88 -0.57
N GLY C 68 -12.98 -3.45 -0.25
CA GLY C 68 -13.30 -4.75 -0.79
C GLY C 68 -14.37 -5.33 0.11
N SER C 69 -14.51 -6.65 0.04
CA SER C 69 -15.48 -7.39 0.84
C SER C 69 -15.37 -7.10 2.36
N SER C 70 -16.48 -6.74 2.99
CA SER C 70 -16.50 -6.45 4.43
C SER C 70 -16.06 -7.64 5.29
N THR C 71 -16.14 -8.82 4.70
CA THR C 71 -15.76 -10.06 5.36
C THR C 71 -14.38 -10.53 4.93
N CYS C 72 -13.77 -9.83 3.97
CA CYS C 72 -12.47 -10.20 3.42
C CYS C 72 -12.54 -11.56 2.73
N SER C 73 -13.64 -11.77 2.01
CA SER C 73 -13.89 -13.01 1.27
C SER C 73 -12.79 -13.20 0.25
N THR C 74 -12.14 -14.36 0.30
CA THR C 74 -11.05 -14.64 -0.63
C THR C 74 -11.54 -14.98 -2.03
N SER C 75 -12.85 -14.93 -2.22
CA SER C 75 -13.42 -15.24 -3.52
C SER C 75 -13.98 -13.98 -4.20
N THR C 76 -13.85 -12.85 -3.53
CA THR C 76 -14.32 -11.58 -4.06
C THR C 76 -13.03 -10.78 -4.28
N PRO C 77 -12.91 -10.05 -5.39
CA PRO C 77 -11.67 -9.30 -5.59
C PRO C 77 -11.56 -8.05 -4.71
N GLY C 78 -10.34 -7.72 -4.30
CA GLY C 78 -10.12 -6.53 -3.49
C GLY C 78 -10.06 -5.34 -4.43
N VAL C 79 -10.24 -4.12 -3.91
CA VAL C 79 -10.22 -2.89 -4.72
C VAL C 79 -9.10 -1.92 -4.25
N TYR C 80 -8.25 -1.52 -5.16
CA TYR C 80 -7.10 -0.68 -4.87
C TYR C 80 -7.18 0.64 -5.62
N ALA C 81 -6.55 1.67 -5.07
CA ALA C 81 -6.52 2.98 -5.73
C ALA C 81 -5.56 2.81 -6.91
N ARG C 82 -5.97 3.18 -8.10
CA ARG C 82 -5.16 3.03 -9.32
C ARG C 82 -4.12 4.16 -9.37
N VAL C 83 -2.86 3.84 -9.03
CA VAL C 83 -1.78 4.82 -9.00
C VAL C 83 -1.51 5.52 -10.35
N THR C 84 -1.81 4.83 -11.43
CA THR C 84 -1.61 5.37 -12.75
C THR C 84 -2.54 6.60 -13.04
N ALA C 85 -3.67 6.64 -12.35
CA ALA C 85 -4.63 7.73 -12.48
C ALA C 85 -4.39 8.82 -11.45
N LEU C 86 -3.49 8.57 -10.51
CA LEU C 86 -3.20 9.51 -9.43
C LEU C 86 -1.78 10.00 -9.39
N VAL C 87 -0.91 9.38 -10.18
CA VAL C 87 0.50 9.77 -10.18
C VAL C 87 0.79 11.22 -10.60
N ASN C 88 -0.07 11.83 -11.43
CA ASN C 88 0.18 13.23 -11.82
C ASN C 88 -0.04 14.19 -10.65
N TRP C 89 -0.92 13.80 -9.74
CA TRP C 89 -1.18 14.60 -8.57
C TRP C 89 -0.01 14.44 -7.59
N VAL C 90 0.51 13.22 -7.49
CA VAL C 90 1.65 12.96 -6.60
C VAL C 90 2.81 13.87 -7.07
N GLN C 91 3.08 13.84 -8.38
CA GLN C 91 4.13 14.66 -9.03
C GLN C 91 3.96 16.15 -8.75
N GLN C 92 2.72 16.62 -8.85
CA GLN C 92 2.38 18.02 -8.60
C GLN C 92 2.64 18.36 -7.15
N THR C 93 2.12 17.53 -6.24
CA THR C 93 2.29 17.74 -4.80
C THR C 93 3.75 17.77 -4.35
N LEU C 94 4.54 16.81 -4.81
CA LEU C 94 5.96 16.77 -4.46
C LEU C 94 6.76 17.95 -5.00
N ALA C 95 6.27 18.57 -6.07
CA ALA C 95 6.97 19.70 -6.67
C ALA C 95 6.61 21.03 -6.04
N ALA C 96 5.38 21.13 -5.56
CA ALA C 96 4.94 22.36 -4.94
C ALA C 96 5.33 22.44 -3.48
N ASN C 97 5.59 21.29 -2.87
CA ASN C 97 5.93 21.21 -1.45
C ASN C 97 7.28 20.55 -1.17
S SO4 D . -4.60 19.37 -3.76
O1 SO4 D . -4.26 19.68 -5.11
O2 SO4 D . -3.72 18.44 -3.10
O3 SO4 D . -4.50 20.56 -3.00
O4 SO4 D . -5.90 18.87 -3.80
S SO4 E . 2.64 -13.76 13.20
O1 SO4 E . 1.82 -13.14 14.21
O2 SO4 E . 1.86 -14.65 12.37
O3 SO4 E . 3.11 -12.77 12.30
O4 SO4 E . 3.76 -14.41 13.85
C1 SRD F . -10.66 -2.90 4.76
C2 SRD F . -10.46 -3.67 3.63
C3 SRD F . -11.37 -4.72 3.30
C4 SRD F . -12.48 -4.95 4.10
C5 SRD F . -12.69 -4.17 5.22
C6 SRD F . -11.78 -3.15 5.55
C7 SRD F . -9.37 -3.44 2.81
C8 SRD F . -9.18 -4.22 1.68
C9 SRD F . -10.08 -5.25 1.35
C10 SRD F . -11.16 -5.50 2.16
C7' SRD F . -9.68 -1.82 5.14
C8' SRD F . -10.14 -0.41 4.79
C9' SRD F . -13.38 1.16 6.02
C SRD F . -12.26 0.72 5.09
N SRD F . -11.15 0.21 5.62
O SRD F . -12.42 0.83 3.86
O1B SRD F . -8.57 0.93 6.22
B SRD F . -8.83 0.48 4.83
#